data_2IL9
#
_entry.id   2IL9
#
_cell.length_a   133.570
_cell.length_b   133.570
_cell.length_c   160.425
_cell.angle_alpha   90.000
_cell.angle_beta   90.000
_cell.angle_gamma   120.000
#
_symmetry.space_group_name_H-M   'P 63'
#
_entity_poly.entity_id   1
_entity_poly.type   'polyribonucleotide'
_entity_poly.pdbx_seq_one_letter_code
;GCUGACUAUGUGAUCUUAUUAAAAUUAGGUUAAAUUUCGAGGUUAAAAAUAGUUUUAAUAUUGCUAUAGUCUUAGAGGUC
UUGCGAAAGCUUACCACACAAGAUGGACCGGAGCGAAAGCUCCAAUAUCUAGUGUACCCUCG
;
_entity_poly.pdbx_strand_id   A,M
#
loop_
_chem_comp.id
_chem_comp.type
_chem_comp.name
_chem_comp.formula
A RNA linking ADENOSINE-5'-MONOPHOSPHATE 'C10 H14 N5 O7 P'
C RNA linking CYTIDINE-5'-MONOPHOSPHATE 'C9 H14 N3 O8 P'
G RNA linking GUANOSINE-5'-MONOPHOSPHATE 'C10 H14 N5 O8 P'
U RNA linking URIDINE-5'-MONOPHOSPHATE 'C9 H13 N2 O9 P'
#